data_1YOM
#
_entry.id   1YOM
#
_cell.length_a   41.698
_cell.length_b   63.078
_cell.length_c   74.055
_cell.angle_alpha   100.61
_cell.angle_beta   88.86
_cell.angle_gamma   89.89
#
_symmetry.space_group_name_H-M   'P 1'
#
loop_
_entity.id
_entity.type
_entity.pdbx_description
1 polymer 'Proto-oncogene tyrosine-protein kinase Src'
2 non-polymer 2-({6-[(3-CHLOROPHENYL)AMINO]-9-ISOPROPYL-9H-PURIN-2-YL}AMINO)-3-METHYLBUTAN-1-OL
3 water water
#
_entity_poly.entity_id   1
_entity_poly.type   'polypeptide(L)'
_entity_poly.pdbx_seq_one_letter_code
;QTQGLAKDAWEIPRESLRLEVKLGQGCFGEVWMGTWNGTTRVAIKTLKPGTMSPEAFLQEAQVMKKLRHEKLVQLYAVVS
EEPIYIVTEYMNKGSLLDFLKGETGKYLRLPQLVDMSAQIASGMAYVERMNYVHRDLRAANILVGENLVCKVADFGLARL
IEDNEWTARQGAKFPIKWTAPEAALYGRFTIKSDVWSFGILLTELTTKGRVPYPGMVNREVLDQVERGYRMPCPPECPES
LHDLMCQCWRKEPEERPTFEYLQAFLEDYFTSTEPQYQPGENL
;
_entity_poly.pdbx_strand_id   A,B
#
loop_
_chem_comp.id
_chem_comp.type
_chem_comp.name
_chem_comp.formula
P01 non-polymer 2-({6-[(3-CHLOROPHENYL)AMINO]-9-ISOPROPYL-9H-PURIN-2-YL}AMINO)-3-METHYLBUTAN-1-OL 'C19 H25 Cl N6 O'
#
# COMPACT_ATOMS: atom_id res chain seq x y z
N LEU A 5 -38.63 22.62 20.32
CA LEU A 5 -38.32 22.14 18.94
C LEU A 5 -37.58 23.21 18.11
N ALA A 6 -36.32 23.48 18.49
CA ALA A 6 -35.39 24.33 17.71
C ALA A 6 -34.43 23.45 16.90
N LYS A 7 -34.33 23.68 15.59
CA LYS A 7 -33.48 22.85 14.71
C LYS A 7 -32.61 23.63 13.69
N ASP A 8 -31.62 22.91 13.17
CA ASP A 8 -30.67 23.40 12.14
C ASP A 8 -31.28 23.72 10.76
N ALA A 9 -30.51 24.41 9.93
CA ALA A 9 -30.88 24.68 8.54
C ALA A 9 -30.55 23.49 7.58
N TRP A 10 -30.33 22.30 8.14
CA TRP A 10 -30.38 21.02 7.40
C TRP A 10 -31.83 20.67 7.06
N GLU A 11 -32.78 21.36 7.70
CA GLU A 11 -34.19 20.98 7.72
C GLU A 11 -34.94 21.33 6.42
N ILE A 12 -35.64 20.33 5.87
CA ILE A 12 -36.40 20.45 4.62
C ILE A 12 -37.91 20.25 4.82
N PRO A 13 -38.71 20.77 3.89
CA PRO A 13 -40.13 20.46 3.88
C PRO A 13 -40.32 18.99 3.54
N ARG A 14 -41.24 18.36 4.25
CA ARG A 14 -41.51 16.97 4.01
C ARG A 14 -42.53 16.78 2.89
N GLU A 15 -42.53 17.68 1.90
CA GLU A 15 -43.19 17.45 0.61
C GLU A 15 -42.17 17.42 -0.53
N SER A 16 -41.00 17.98 -0.28
CA SER A 16 -39.88 17.88 -1.21
C SER A 16 -39.44 16.41 -1.41
N LEU A 17 -39.61 15.59 -0.38
CA LEU A 17 -39.30 14.17 -0.46
C LEU A 17 -40.38 13.39 -1.20
N ARG A 18 -39.96 12.28 -1.78
CA ARG A 18 -40.79 11.53 -2.70
C ARG A 18 -40.32 10.09 -2.59
N LEU A 19 -40.92 9.36 -1.65
CA LEU A 19 -40.52 7.98 -1.35
C LEU A 19 -41.03 7.07 -2.46
N GLU A 20 -40.10 6.49 -3.21
CA GLU A 20 -40.40 5.76 -4.43
C GLU A 20 -40.31 4.24 -4.23
N VAL A 21 -39.10 3.67 -4.34
CA VAL A 21 -38.90 2.21 -4.21
C VAL A 21 -38.38 1.84 -2.84
N LYS A 22 -38.98 0.83 -2.23
CA LYS A 22 -38.57 0.32 -0.93
C LYS A 22 -37.33 -0.55 -1.09
N LEU A 23 -36.24 -0.12 -0.48
CA LEU A 23 -34.99 -0.85 -0.55
C LEU A 23 -35.07 -2.07 0.34
N GLY A 24 -35.20 -1.82 1.64
CA GLY A 24 -35.35 -2.86 2.62
C GLY A 24 -36.07 -2.35 3.86
N GLN A 25 -36.04 -3.16 4.90
CA GLN A 25 -36.72 -2.85 6.14
C GLN A 25 -35.80 -3.15 7.32
N GLY A 26 -36.37 -3.75 8.36
CA GLY A 26 -35.66 -3.99 9.60
C GLY A 26 -36.44 -3.50 10.80
N CYS A 27 -35.80 -3.58 11.97
CA CYS A 27 -36.48 -3.31 13.25
C CYS A 27 -36.65 -1.82 13.55
N PHE A 28 -35.75 -0.99 13.01
CA PHE A 28 -35.60 0.42 13.38
C PHE A 28 -36.11 1.32 12.25
N GLY A 29 -37.30 0.98 11.75
CA GLY A 29 -37.85 1.62 10.57
C GLY A 29 -37.29 1.04 9.28
N GLU A 30 -37.69 1.62 8.16
CA GLU A 30 -37.38 1.10 6.83
C GLU A 30 -36.48 2.08 6.05
N VAL A 31 -36.17 1.75 4.78
CA VAL A 31 -35.31 2.59 3.93
C VAL A 31 -35.74 2.56 2.46
N TRP A 32 -35.80 3.72 1.83
CA TRP A 32 -36.36 3.88 0.49
C TRP A 32 -35.42 4.62 -0.47
N MET A 33 -35.51 4.31 -1.76
CA MET A 33 -34.99 5.20 -2.82
C MET A 33 -35.99 6.33 -3.03
N GLY A 34 -35.61 7.41 -3.72
CA GLY A 34 -36.54 8.50 -3.94
C GLY A 34 -36.02 9.78 -4.55
N THR A 35 -36.76 10.87 -4.31
CA THR A 35 -36.46 12.19 -4.89
C THR A 35 -36.61 13.29 -3.85
N TRP A 36 -35.67 14.22 -3.81
CA TRP A 36 -35.72 15.38 -2.91
C TRP A 36 -35.75 16.67 -3.75
N ASN A 37 -36.66 17.58 -3.38
CA ASN A 37 -37.00 18.74 -4.19
C ASN A 37 -37.36 18.16 -5.56
N GLY A 38 -36.83 18.72 -6.64
CA GLY A 38 -37.25 18.33 -7.97
C GLY A 38 -36.62 17.04 -8.42
N THR A 39 -35.30 17.10 -8.61
CA THR A 39 -34.50 15.93 -8.99
C THR A 39 -33.72 15.44 -7.75
N THR A 40 -32.46 15.04 -7.92
CA THR A 40 -31.63 14.40 -6.89
C THR A 40 -32.19 13.04 -6.44
N ARG A 41 -31.42 11.99 -6.72
CA ARG A 41 -31.72 10.69 -6.15
C ARG A 41 -31.36 10.79 -4.67
N VAL A 42 -32.09 10.07 -3.85
CA VAL A 42 -31.84 10.05 -2.41
C VAL A 42 -32.22 8.71 -1.78
N ALA A 43 -31.43 8.30 -0.80
CA ALA A 43 -31.90 7.33 0.18
C ALA A 43 -32.70 8.08 1.25
N ILE A 44 -33.74 7.43 1.79
CA ILE A 44 -34.60 8.02 2.83
C ILE A 44 -34.78 7.02 3.95
N LYS A 45 -34.01 7.17 5.01
CA LYS A 45 -34.17 6.35 6.22
C LYS A 45 -35.25 6.94 7.11
N THR A 46 -36.03 6.06 7.77
CA THR A 46 -37.12 6.46 8.66
C THR A 46 -37.12 5.71 9.98
N LEU A 47 -37.70 6.34 11.00
CA LEU A 47 -37.91 5.69 12.30
C LEU A 47 -39.36 5.25 12.44
N LYS A 48 -39.54 4.02 12.91
CA LYS A 48 -40.86 3.54 13.33
C LYS A 48 -41.15 4.13 14.72
N PRO A 49 -42.20 4.94 14.86
CA PRO A 49 -42.69 5.28 16.20
C PRO A 49 -43.22 4.01 16.89
N GLY A 50 -42.38 3.45 17.75
CA GLY A 50 -42.58 2.13 18.31
C GLY A 50 -41.26 1.57 18.87
N THR A 51 -40.20 1.65 18.08
CA THR A 51 -38.88 1.16 18.51
C THR A 51 -38.18 2.13 19.49
N MET A 52 -37.43 3.10 18.97
CA MET A 52 -36.60 3.98 19.81
C MET A 52 -37.07 5.43 19.75
N SER A 53 -36.63 6.22 20.72
CA SER A 53 -37.13 7.59 20.90
C SER A 53 -36.57 8.52 19.82
N PRO A 54 -37.17 9.71 19.68
CA PRO A 54 -36.57 10.81 18.89
C PRO A 54 -35.07 11.08 19.16
N GLU A 55 -34.64 11.19 20.42
CA GLU A 55 -33.23 11.47 20.75
C GLU A 55 -32.28 10.31 20.32
N ALA A 56 -32.81 9.08 20.36
CA ALA A 56 -32.07 7.87 19.97
C ALA A 56 -31.71 7.86 18.47
N PHE A 57 -32.72 7.84 17.61
CA PHE A 57 -32.52 7.82 16.16
C PHE A 57 -32.21 9.21 15.56
N LEU A 58 -31.99 10.21 16.42
CA LEU A 58 -31.34 11.47 16.03
C LEU A 58 -30.08 11.67 16.89
N GLN A 59 -29.26 10.60 16.93
CA GLN A 59 -27.85 10.65 17.30
C GLN A 59 -27.05 10.56 16.00
N GLU A 60 -27.38 9.58 15.14
CA GLU A 60 -26.74 9.42 13.82
C GLU A 60 -27.09 10.59 12.84
N ALA A 61 -27.54 11.71 13.39
CA ALA A 61 -27.50 13.02 12.71
C ALA A 61 -26.63 14.05 13.47
N GLN A 62 -26.56 13.93 14.79
CA GLN A 62 -25.56 14.66 15.57
C GLN A 62 -24.16 14.49 14.97
N VAL A 63 -23.82 13.23 14.69
CA VAL A 63 -22.56 12.88 14.04
C VAL A 63 -22.60 13.09 12.53
N MET A 64 -23.56 12.48 11.83
CA MET A 64 -23.57 12.50 10.36
C MET A 64 -23.58 13.92 9.78
N LYS A 65 -23.85 14.92 10.62
CA LYS A 65 -23.70 16.32 10.24
C LYS A 65 -22.23 16.75 10.26
N LYS A 66 -21.58 16.61 11.42
CA LYS A 66 -20.16 16.96 11.57
C LYS A 66 -19.23 16.24 10.58
N LEU A 67 -19.47 14.95 10.35
CA LEU A 67 -18.63 14.12 9.47
C LEU A 67 -18.93 14.24 7.96
N ARG A 68 -18.11 15.00 7.25
CA ARG A 68 -18.04 14.94 5.79
C ARG A 68 -16.68 14.36 5.31
N HIS A 69 -16.76 13.26 4.54
CA HIS A 69 -15.61 12.63 3.89
C HIS A 69 -16.08 11.86 2.65
N GLU A 70 -15.29 11.87 1.59
CA GLU A 70 -15.56 11.15 0.32
C GLU A 70 -16.13 9.75 0.45
N LYS A 71 -15.74 9.04 1.50
CA LYS A 71 -16.03 7.61 1.66
C LYS A 71 -16.89 7.30 2.87
N LEU A 72 -17.40 8.34 3.52
CA LEU A 72 -18.51 8.19 4.44
C LEU A 72 -19.71 8.66 3.64
N VAL A 73 -20.80 7.90 3.73
CA VAL A 73 -22.05 8.24 3.05
C VAL A 73 -22.61 9.54 3.62
N GLN A 74 -22.84 10.53 2.77
CA GLN A 74 -23.15 11.90 3.20
C GLN A 74 -24.61 12.19 3.50
N LEU A 75 -24.86 12.63 4.73
CA LEU A 75 -26.15 13.17 5.09
C LEU A 75 -26.44 14.41 4.23
N TYR A 76 -27.63 14.46 3.64
CA TYR A 76 -28.09 15.59 2.84
C TYR A 76 -28.99 16.54 3.66
N ALA A 77 -29.88 15.99 4.49
CA ALA A 77 -30.93 16.78 5.20
C ALA A 77 -31.87 15.90 6.06
N VAL A 78 -32.30 16.38 7.23
CA VAL A 78 -33.24 15.62 8.08
C VAL A 78 -34.63 16.25 8.19
N VAL A 79 -35.52 15.50 8.84
CA VAL A 79 -36.83 15.97 9.29
C VAL A 79 -37.00 15.42 10.72
N SER A 80 -36.86 16.30 11.73
CA SER A 80 -36.66 15.92 13.14
C SER A 80 -37.94 15.49 13.91
N GLU A 81 -38.94 16.37 13.92
CA GLU A 81 -40.28 16.10 14.51
C GLU A 81 -40.98 14.87 13.85
N GLU A 82 -41.21 13.80 14.61
CA GLU A 82 -41.70 12.53 14.00
C GLU A 82 -43.02 12.73 13.27
N PRO A 83 -43.34 11.88 12.29
CA PRO A 83 -42.47 10.78 11.82
C PRO A 83 -41.13 11.26 11.26
N ILE A 84 -40.05 10.54 11.57
CA ILE A 84 -38.69 10.98 11.20
C ILE A 84 -38.30 10.52 9.79
N TYR A 85 -37.51 11.35 9.09
CA TYR A 85 -36.95 10.98 7.80
C TYR A 85 -35.55 11.55 7.74
N ILE A 86 -34.55 10.67 7.78
CA ILE A 86 -33.17 11.04 7.47
C ILE A 86 -32.99 10.85 5.97
N VAL A 87 -32.62 11.90 5.28
CA VAL A 87 -32.36 11.81 3.86
C VAL A 87 -30.86 11.85 3.65
N THR A 88 -30.30 10.88 2.93
CA THR A 88 -28.88 10.90 2.62
C THR A 88 -28.59 10.68 1.13
N GLU A 89 -27.32 10.53 0.77
CA GLU A 89 -26.96 10.28 -0.63
C GLU A 89 -27.35 8.86 -1.03
N TYR A 90 -27.78 8.68 -2.26
CA TYR A 90 -28.14 7.35 -2.74
C TYR A 90 -26.91 6.55 -3.15
N MET A 91 -26.82 5.33 -2.64
CA MET A 91 -25.81 4.39 -3.09
C MET A 91 -26.55 3.28 -3.80
N ASN A 92 -26.29 3.16 -5.10
CA ASN A 92 -27.14 2.38 -6.02
C ASN A 92 -26.73 0.95 -6.41
N LYS A 93 -25.85 0.27 -5.64
CA LYS A 93 -25.65 -1.20 -5.74
C LYS A 93 -25.89 -1.95 -4.41
N GLY A 94 -26.41 -1.24 -3.40
CA GLY A 94 -26.74 -1.86 -2.12
C GLY A 94 -25.50 -2.16 -1.32
N SER A 95 -25.65 -2.92 -0.24
CA SER A 95 -24.51 -3.22 0.65
C SER A 95 -23.30 -3.84 -0.08
N LEU A 96 -22.12 -3.82 0.55
CA LEU A 96 -20.99 -4.49 -0.09
C LEU A 96 -21.33 -5.93 -0.25
N LEU A 97 -21.98 -6.53 0.77
CA LEU A 97 -22.28 -7.98 0.82
C LEU A 97 -23.12 -8.47 -0.36
N ASP A 98 -24.26 -7.82 -0.59
CA ASP A 98 -25.13 -8.10 -1.74
C ASP A 98 -24.36 -8.02 -3.04
N PHE A 99 -23.70 -6.89 -3.24
CA PHE A 99 -23.04 -6.58 -4.49
C PHE A 99 -22.05 -7.67 -4.91
N LEU A 100 -21.31 -8.13 -3.93
CA LEU A 100 -20.12 -8.92 -4.07
C LEU A 100 -20.46 -10.41 -4.20
N LYS A 101 -21.73 -10.67 -3.90
CA LYS A 101 -22.36 -11.97 -3.72
C LYS A 101 -23.40 -12.23 -4.82
N GLY A 102 -23.71 -11.19 -5.63
CA GLY A 102 -24.67 -11.22 -6.73
C GLY A 102 -24.03 -11.25 -8.12
N GLU A 103 -24.78 -10.84 -9.17
CA GLU A 103 -24.40 -11.10 -10.59
C GLU A 103 -23.00 -10.62 -10.94
N THR A 104 -22.71 -9.33 -10.73
CA THR A 104 -21.38 -8.74 -10.87
C THR A 104 -20.28 -9.40 -10.00
N GLY A 105 -20.64 -9.83 -8.81
CA GLY A 105 -19.67 -10.44 -7.93
C GLY A 105 -18.66 -11.34 -8.63
N LYS A 106 -19.16 -12.25 -9.46
CA LYS A 106 -18.27 -13.24 -10.04
C LYS A 106 -17.24 -12.64 -10.99
N TYR A 107 -17.48 -11.45 -11.53
CA TYR A 107 -16.54 -10.84 -12.48
C TYR A 107 -15.38 -10.08 -11.85
N LEU A 108 -15.48 -9.74 -10.56
CA LEU A 108 -14.42 -9.04 -9.82
C LEU A 108 -13.20 -9.93 -9.61
N ARG A 109 -12.05 -9.30 -9.80
CA ARG A 109 -10.78 -9.97 -9.60
C ARG A 109 -10.05 -9.14 -8.54
N LEU A 110 -8.79 -9.48 -8.27
CA LEU A 110 -8.08 -8.89 -7.11
C LEU A 110 -7.85 -7.42 -7.26
N PRO A 111 -7.33 -6.94 -8.37
CA PRO A 111 -7.21 -5.48 -8.53
C PRO A 111 -8.46 -4.76 -8.10
N GLN A 112 -9.67 -5.27 -8.36
CA GLN A 112 -10.90 -4.53 -8.07
C GLN A 112 -11.23 -4.58 -6.59
N LEU A 113 -11.18 -5.77 -6.01
CA LEU A 113 -11.49 -5.97 -4.58
C LEU A 113 -10.48 -5.22 -3.67
N VAL A 114 -9.23 -5.14 -4.12
CA VAL A 114 -8.19 -4.48 -3.33
C VAL A 114 -8.45 -3.01 -3.35
N ASP A 115 -8.69 -2.46 -4.53
CA ASP A 115 -9.18 -1.09 -4.63
C ASP A 115 -10.40 -0.75 -3.72
N MET A 116 -11.46 -1.57 -3.73
CA MET A 116 -12.63 -1.33 -2.87
C MET A 116 -12.16 -1.19 -1.44
N SER A 117 -11.25 -2.06 -1.05
CA SER A 117 -10.76 -2.19 0.32
C SER A 117 -9.91 -0.99 0.75
N ALA A 118 -9.12 -0.48 -0.20
CA ALA A 118 -8.36 0.74 -0.02
C ALA A 118 -9.31 1.91 0.27
N GLN A 119 -10.48 1.94 -0.38
CA GLN A 119 -11.50 3.00 -0.19
C GLN A 119 -12.12 2.90 1.18
N ILE A 120 -12.47 1.69 1.61
CA ILE A 120 -13.11 1.48 2.90
C ILE A 120 -12.20 1.99 3.98
N ALA A 121 -10.91 1.73 3.80
CA ALA A 121 -9.86 2.09 4.75
C ALA A 121 -9.58 3.59 4.74
N SER A 122 -9.73 4.21 3.59
CA SER A 122 -9.63 5.64 3.50
C SER A 122 -10.67 6.31 4.39
N GLY A 123 -11.83 5.67 4.48
CA GLY A 123 -12.94 6.17 5.27
C GLY A 123 -12.73 5.86 6.73
N MET A 124 -12.24 4.65 7.00
CA MET A 124 -11.95 4.25 8.37
C MET A 124 -10.72 4.93 8.89
N ALA A 125 -10.01 5.66 8.03
CA ALA A 125 -8.86 6.42 8.45
C ALA A 125 -9.29 7.84 8.75
N TYR A 126 -10.31 8.33 8.07
CA TYR A 126 -10.97 9.58 8.47
C TYR A 126 -11.69 9.38 9.79
N VAL A 127 -12.48 8.30 9.90
CA VAL A 127 -13.04 7.87 11.21
C VAL A 127 -11.93 7.95 12.29
N GLU A 128 -10.82 7.25 12.02
CA GLU A 128 -9.62 7.25 12.84
C GLU A 128 -9.19 8.64 13.29
N ARG A 129 -8.92 9.52 12.33
CA ARG A 129 -8.39 10.86 12.63
C ARG A 129 -9.27 11.62 13.61
N MET A 130 -10.59 11.49 13.44
CA MET A 130 -11.57 12.19 14.30
C MET A 130 -11.75 11.56 15.71
N ASN A 131 -10.94 10.58 16.10
CA ASN A 131 -11.19 9.83 17.34
C ASN A 131 -12.64 9.29 17.44
N TYR A 132 -13.17 8.78 16.32
CA TYR A 132 -14.40 8.00 16.37
C TYR A 132 -14.14 6.49 16.28
N VAL A 133 -15.19 5.71 16.52
CA VAL A 133 -15.13 4.25 16.59
C VAL A 133 -16.44 3.67 16.01
N HIS A 134 -16.32 2.80 15.01
CA HIS A 134 -17.46 2.34 14.22
C HIS A 134 -18.29 1.27 14.93
N ARG A 135 -17.60 0.23 15.39
CA ARG A 135 -18.18 -0.82 16.24
C ARG A 135 -18.95 -1.91 15.51
N ASP A 136 -19.04 -1.83 14.19
CA ASP A 136 -19.71 -2.90 13.43
C ASP A 136 -19.35 -2.74 11.98
N LEU A 137 -18.07 -2.93 11.73
CA LEU A 137 -17.50 -2.80 10.43
C LEU A 137 -17.51 -4.18 9.76
N ARG A 138 -18.38 -4.31 8.78
CA ARG A 138 -18.38 -5.46 7.91
C ARG A 138 -19.09 -5.11 6.59
N ALA A 139 -18.81 -5.90 5.56
CA ALA A 139 -19.30 -5.69 4.20
C ALA A 139 -20.78 -5.26 4.11
N ALA A 140 -21.63 -5.86 4.95
CA ALA A 140 -23.09 -5.57 5.02
C ALA A 140 -23.42 -4.10 5.39
N ASN A 141 -22.50 -3.49 6.11
CA ASN A 141 -22.51 -2.07 6.45
C ASN A 141 -21.64 -1.17 5.56
N ILE A 142 -21.21 -1.65 4.37
CA ILE A 142 -20.50 -0.81 3.36
C ILE A 142 -21.52 -0.68 2.27
N LEU A 143 -21.51 0.43 1.57
CA LEU A 143 -22.43 0.60 0.46
C LEU A 143 -21.63 0.87 -0.82
N VAL A 144 -22.21 0.51 -1.94
CA VAL A 144 -21.48 0.52 -3.20
C VAL A 144 -22.26 1.36 -4.17
N GLY A 145 -21.56 1.93 -5.14
CA GLY A 145 -22.19 2.80 -6.09
C GLY A 145 -21.51 2.72 -7.44
N GLU A 146 -21.81 3.71 -8.28
CA GLU A 146 -21.32 3.73 -9.64
C GLU A 146 -19.79 3.77 -9.59
N ASN A 147 -19.13 3.04 -10.51
CA ASN A 147 -17.66 3.03 -10.61
C ASN A 147 -17.00 2.26 -9.47
N LEU A 148 -17.65 1.19 -9.00
CA LEU A 148 -17.14 0.39 -7.91
C LEU A 148 -16.69 1.21 -6.67
N VAL A 149 -17.33 2.37 -6.45
CA VAL A 149 -17.07 3.19 -5.28
C VAL A 149 -17.67 2.49 -4.08
N CYS A 150 -17.05 2.68 -2.91
CA CYS A 150 -17.49 2.03 -1.67
C CYS A 150 -17.44 3.00 -0.50
N LYS A 151 -18.57 3.34 0.09
CA LYS A 151 -18.56 4.22 1.26
C LYS A 151 -19.01 3.51 2.53
N VAL A 152 -18.24 3.69 3.59
CA VAL A 152 -18.67 3.35 4.92
C VAL A 152 -19.91 4.15 5.26
N ALA A 153 -20.73 3.63 6.17
CA ALA A 153 -21.79 4.40 6.85
C ALA A 153 -22.86 3.50 7.40
N ASP A 154 -23.86 4.11 8.02
CA ASP A 154 -25.23 3.56 8.10
C ASP A 154 -26.24 4.57 8.70
N PHE A 174 -26.13 -10.77 16.37
CA PHE A 174 -24.87 -10.32 17.01
C PHE A 174 -23.66 -10.82 16.20
N PRO A 175 -22.81 -9.88 15.75
CA PRO A 175 -21.76 -10.17 14.75
C PRO A 175 -20.46 -10.46 15.48
N ILE A 176 -20.44 -11.59 16.17
CA ILE A 176 -19.26 -12.03 16.91
C ILE A 176 -18.10 -12.36 15.95
N LYS A 177 -18.42 -12.93 14.78
CA LYS A 177 -17.43 -13.43 13.83
C LYS A 177 -16.59 -12.31 13.23
N TRP A 178 -17.14 -11.09 13.16
CA TRP A 178 -16.39 -9.94 12.63
C TRP A 178 -15.75 -9.07 13.69
N THR A 179 -16.03 -9.35 14.97
CA THR A 179 -15.66 -8.51 16.12
C THR A 179 -14.43 -9.03 16.86
N ALA A 180 -13.56 -8.11 17.31
CA ALA A 180 -12.29 -8.47 17.96
C ALA A 180 -12.51 -9.13 19.28
N PRO A 181 -11.61 -10.03 19.72
CA PRO A 181 -11.78 -10.79 20.98
C PRO A 181 -12.09 -9.92 22.18
N GLU A 182 -11.21 -8.97 22.44
CA GLU A 182 -11.37 -7.98 23.49
C GLU A 182 -12.74 -7.23 23.51
N ALA A 183 -13.43 -7.15 22.37
CA ALA A 183 -14.75 -6.54 22.29
C ALA A 183 -15.82 -7.59 22.47
N ALA A 184 -15.59 -8.75 21.86
CA ALA A 184 -16.51 -9.87 21.89
C ALA A 184 -16.78 -10.40 23.29
N LEU A 185 -15.85 -10.13 24.19
CA LEU A 185 -15.82 -10.73 25.51
C LEU A 185 -15.89 -9.67 26.63
N TYR A 186 -15.06 -8.64 26.50
CA TYR A 186 -14.88 -7.63 27.55
C TYR A 186 -15.45 -6.25 27.17
N GLY A 187 -15.99 -6.17 25.94
CA GLY A 187 -16.67 -4.98 25.47
C GLY A 187 -15.79 -3.76 25.25
N ARG A 188 -14.49 -3.96 24.97
CA ARG A 188 -13.59 -2.87 24.63
C ARG A 188 -13.54 -2.66 23.14
N PHE A 189 -14.45 -1.85 22.66
CA PHE A 189 -14.38 -1.39 21.28
C PHE A 189 -13.39 -0.18 21.16
N THR A 190 -12.45 -0.32 20.24
CA THR A 190 -11.53 0.74 19.90
C THR A 190 -11.29 0.70 18.41
N ILE A 191 -10.69 1.76 17.88
CA ILE A 191 -10.39 1.80 16.45
C ILE A 191 -9.51 0.62 16.05
N LYS A 192 -8.70 0.10 16.99
CA LYS A 192 -7.91 -1.10 16.75
C LYS A 192 -8.78 -2.36 16.70
N SER A 193 -9.80 -2.42 17.55
CA SER A 193 -10.81 -3.47 17.44
C SER A 193 -11.61 -3.32 16.13
N ASP A 194 -11.58 -2.14 15.50
CA ASP A 194 -12.21 -1.94 14.19
C ASP A 194 -11.35 -2.53 13.07
N VAL A 195 -10.03 -2.37 13.24
CA VAL A 195 -9.03 -2.92 12.36
C VAL A 195 -9.21 -4.43 12.28
N TRP A 196 -9.54 -5.08 13.40
CA TRP A 196 -9.75 -6.52 13.42
C TRP A 196 -10.83 -6.95 12.44
N SER A 197 -11.94 -6.24 12.46
CA SER A 197 -13.04 -6.51 11.56
C SER A 197 -12.63 -6.24 10.10
N PHE A 198 -11.72 -5.29 9.92
CA PHE A 198 -11.25 -4.90 8.58
C PHE A 198 -10.68 -6.13 8.02
N GLY A 199 -9.77 -6.74 8.75
CA GLY A 199 -9.21 -8.02 8.34
C GLY A 199 -10.23 -9.12 8.07
N ILE A 200 -11.23 -9.25 8.91
CA ILE A 200 -12.33 -10.17 8.61
C ILE A 200 -13.01 -9.76 7.29
N LEU A 201 -13.24 -8.45 7.11
CA LEU A 201 -13.80 -7.86 5.89
C LEU A 201 -12.97 -8.13 4.64
N LEU A 202 -11.64 -8.22 4.81
CA LEU A 202 -10.73 -8.70 3.76
C LEU A 202 -11.03 -10.13 3.36
N THR A 203 -11.40 -10.99 4.28
CA THR A 203 -11.84 -12.31 3.85
C THR A 203 -13.10 -12.22 3.01
N GLU A 204 -14.01 -11.27 3.34
CA GLU A 204 -15.28 -11.11 2.60
C GLU A 204 -15.04 -10.70 1.16
N LEU A 205 -14.21 -9.68 0.97
CA LEU A 205 -13.83 -9.23 -0.37
C LEU A 205 -13.14 -10.36 -1.14
N THR A 206 -12.34 -11.18 -0.47
CA THR A 206 -11.41 -12.09 -1.17
C THR A 206 -12.03 -13.42 -1.55
N THR A 207 -13.20 -13.73 -0.99
CA THR A 207 -13.98 -14.95 -1.28
C THR A 207 -15.33 -14.53 -1.83
N LYS A 208 -15.51 -13.24 -2.00
CA LYS A 208 -16.69 -12.69 -2.63
C LYS A 208 -17.98 -13.06 -1.95
N GLY A 209 -18.08 -12.76 -0.66
CA GLY A 209 -19.36 -12.72 0.05
C GLY A 209 -19.53 -13.67 1.25
N ARG A 210 -18.63 -14.62 1.35
CA ARG A 210 -18.74 -15.74 2.28
C ARG A 210 -18.61 -15.33 3.74
N VAL A 211 -19.40 -15.98 4.59
CA VAL A 211 -19.33 -15.79 6.03
C VAL A 211 -17.93 -16.22 6.42
N PRO A 212 -17.27 -15.51 7.34
CA PRO A 212 -15.93 -15.93 7.79
C PRO A 212 -16.04 -17.20 8.58
N TYR A 213 -14.93 -17.92 8.70
CA TYR A 213 -14.89 -19.13 9.53
C TYR A 213 -16.01 -20.10 9.06
N PRO A 214 -15.93 -20.54 7.80
CA PRO A 214 -17.01 -21.33 7.19
C PRO A 214 -17.32 -22.66 7.92
N GLY A 215 -18.62 -22.94 8.13
CA GLY A 215 -19.05 -24.09 8.89
C GLY A 215 -18.63 -24.07 10.36
N MET A 216 -18.51 -22.87 10.94
CA MET A 216 -18.33 -22.69 12.38
C MET A 216 -19.47 -21.83 12.97
N VAL A 217 -20.00 -22.29 14.10
CA VAL A 217 -20.94 -21.54 14.91
C VAL A 217 -20.10 -20.60 15.79
N ASN A 218 -20.74 -19.68 16.51
CA ASN A 218 -19.99 -18.65 17.23
C ASN A 218 -19.13 -19.15 18.37
N ARG A 219 -19.58 -20.19 19.05
CA ARG A 219 -18.81 -20.66 20.18
C ARG A 219 -17.45 -21.20 19.72
N GLU A 220 -17.38 -21.80 18.52
CA GLU A 220 -16.08 -22.27 17.98
C GLU A 220 -15.13 -21.12 17.61
N VAL A 221 -15.72 -20.07 17.05
CA VAL A 221 -14.99 -18.88 16.64
C VAL A 221 -14.36 -18.21 17.87
N LEU A 222 -15.15 -18.04 18.94
CA LEU A 222 -14.62 -17.56 20.21
C LEU A 222 -13.61 -18.52 20.78
N ASP A 223 -13.93 -19.81 20.73
CA ASP A 223 -13.07 -20.85 21.30
C ASP A 223 -11.71 -20.81 20.66
N GLN A 224 -11.73 -20.79 19.34
CA GLN A 224 -10.55 -21.10 18.54
C GLN A 224 -9.60 -19.93 18.32
N VAL A 225 -10.16 -18.73 18.14
CA VAL A 225 -9.39 -17.50 18.09
C VAL A 225 -8.70 -17.27 19.43
N GLU A 226 -9.35 -17.71 20.51
CA GLU A 226 -8.79 -17.68 21.87
C GLU A 226 -7.59 -18.62 22.10
N ARG A 227 -7.60 -19.79 21.43
CA ARG A 227 -6.50 -20.74 21.42
C ARG A 227 -5.47 -20.42 20.29
N GLY A 228 -5.79 -19.40 19.47
CA GLY A 228 -4.84 -18.84 18.51
C GLY A 228 -5.10 -19.08 17.04
N TYR A 229 -6.15 -19.85 16.73
CA TYR A 229 -6.58 -20.11 15.36
C TYR A 229 -6.76 -18.84 14.56
N ARG A 230 -6.60 -18.91 13.26
CA ARG A 230 -6.87 -17.78 12.37
C ARG A 230 -7.24 -18.29 11.01
N MET A 231 -8.20 -17.63 10.37
CA MET A 231 -8.66 -18.02 9.04
C MET A 231 -7.45 -18.13 8.18
N PRO A 232 -7.36 -19.22 7.43
CA PRO A 232 -6.25 -19.40 6.51
C PRO A 232 -6.32 -18.39 5.39
N CYS A 233 -5.44 -18.61 4.45
CA CYS A 233 -5.43 -17.88 3.23
C CYS A 233 -6.54 -18.40 2.27
N PRO A 234 -7.56 -17.61 1.93
CA PRO A 234 -8.58 -18.08 1.02
C PRO A 234 -8.04 -18.54 -0.35
N PRO A 235 -8.75 -19.42 -1.06
CA PRO A 235 -8.40 -19.76 -2.45
C PRO A 235 -7.73 -18.65 -3.31
N GLU A 236 -6.56 -18.96 -3.88
CA GLU A 236 -5.87 -18.06 -4.79
C GLU A 236 -5.58 -16.68 -4.23
N CYS A 237 -5.61 -16.51 -2.93
CA CYS A 237 -5.43 -15.17 -2.40
C CYS A 237 -3.96 -14.95 -2.14
N PRO A 238 -3.33 -14.04 -2.87
CA PRO A 238 -1.89 -13.85 -2.73
C PRO A 238 -1.53 -13.71 -1.28
N GLU A 239 -0.32 -14.08 -0.94
CA GLU A 239 0.06 -14.33 0.45
C GLU A 239 0.44 -13.02 1.14
N SER A 240 0.75 -12.02 0.34
CA SER A 240 0.85 -10.64 0.84
C SER A 240 -0.47 -10.06 1.36
N LEU A 241 -1.61 -10.43 0.76
CA LEU A 241 -2.91 -10.10 1.35
C LEU A 241 -3.07 -10.75 2.73
N HIS A 242 -2.89 -12.07 2.84
CA HIS A 242 -3.12 -12.78 4.11
C HIS A 242 -2.26 -12.26 5.25
N ASP A 243 -1.05 -11.84 4.95
CA ASP A 243 -0.15 -11.34 5.97
C ASP A 243 -0.81 -10.16 6.68
N LEU A 244 -1.39 -9.28 5.87
CA LEU A 244 -2.05 -8.07 6.32
C LEU A 244 -3.40 -8.35 6.98
N MET A 245 -3.96 -9.54 6.76
CA MET A 245 -5.12 -9.97 7.53
C MET A 245 -4.61 -10.40 8.90
N CYS A 246 -3.52 -11.15 8.94
CA CYS A 246 -2.89 -11.55 10.19
C CYS A 246 -2.36 -10.38 11.00
N GLN A 247 -1.92 -9.32 10.32
CA GLN A 247 -1.59 -8.05 10.96
C GLN A 247 -2.85 -7.40 11.60
N CYS A 248 -3.97 -7.41 10.92
CA CYS A 248 -5.23 -7.00 11.55
C CYS A 248 -5.69 -7.94 12.69
N TRP A 249 -5.26 -9.20 12.71
CA TRP A 249 -5.74 -10.15 13.72
C TRP A 249 -4.74 -10.44 14.85
N ARG A 250 -3.80 -9.52 15.08
CA ARG A 250 -2.87 -9.62 16.19
C ARG A 250 -3.64 -9.66 17.51
N LYS A 251 -3.28 -10.56 18.44
CA LYS A 251 -3.97 -10.60 19.74
C LYS A 251 -3.97 -9.23 20.40
N GLU A 252 -2.80 -8.61 20.45
CA GLU A 252 -2.61 -7.39 21.23
C GLU A 252 -2.94 -6.15 20.39
N PRO A 253 -4.01 -5.46 20.76
CA PRO A 253 -4.70 -4.56 19.83
C PRO A 253 -3.87 -3.34 19.49
N GLU A 254 -3.01 -2.89 20.41
CA GLU A 254 -2.06 -1.80 20.17
C GLU A 254 -1.06 -2.04 19.01
N GLU A 255 -1.09 -3.22 18.40
CA GLU A 255 -0.10 -3.62 17.42
C GLU A 255 -0.71 -3.68 16.03
N ARG A 256 -1.96 -4.10 15.95
CA ARG A 256 -2.66 -4.04 14.68
C ARG A 256 -2.37 -2.69 14.00
N PRO A 257 -2.19 -2.66 12.69
CA PRO A 257 -1.80 -1.42 12.01
C PRO A 257 -2.95 -0.44 11.89
N THR A 258 -2.65 0.85 11.72
CA THR A 258 -3.68 1.88 11.54
C THR A 258 -4.32 1.79 10.16
N PHE A 259 -5.55 2.33 10.07
CA PHE A 259 -6.20 2.51 8.78
C PHE A 259 -5.35 3.33 7.76
N GLU A 260 -4.54 4.27 8.26
CA GLU A 260 -3.60 5.00 7.45
C GLU A 260 -2.51 4.04 6.87
N TYR A 261 -2.00 3.11 7.66
CA TYR A 261 -1.06 2.16 7.08
C TYR A 261 -1.88 1.29 6.09
N LEU A 262 -2.99 0.74 6.57
CA LEU A 262 -3.78 -0.19 5.77
C LEU A 262 -4.02 0.40 4.40
N GLN A 263 -4.45 1.68 4.39
CA GLN A 263 -4.93 2.38 3.20
C GLN A 263 -3.85 2.44 2.17
N ALA A 264 -2.66 2.87 2.60
CA ALA A 264 -1.53 3.08 1.69
C ALA A 264 -1.04 1.77 1.10
N PHE A 265 -0.96 0.75 1.94
CA PHE A 265 -0.60 -0.59 1.51
C PHE A 265 -1.51 -1.05 0.39
N LEU A 266 -2.81 -0.75 0.50
CA LEU A 266 -3.78 -1.28 -0.44
C LEU A 266 -3.78 -0.42 -1.69
N GLU A 267 -3.29 0.81 -1.54
CA GLU A 267 -3.27 1.73 -2.65
C GLU A 267 -2.11 1.34 -3.59
N ASP A 268 -1.01 0.86 -3.02
CA ASP A 268 0.20 0.60 -3.77
C ASP A 268 0.34 -0.89 -4.05
N TYR A 269 -0.70 -1.66 -3.76
CA TYR A 269 -0.57 -3.13 -3.72
C TYR A 269 0.15 -3.66 -4.97
N PHE A 270 -0.30 -3.22 -6.13
CA PHE A 270 0.15 -3.81 -7.37
C PHE A 270 1.48 -3.29 -7.94
N THR A 271 2.11 -2.37 -7.24
CA THR A 271 3.44 -1.89 -7.63
C THR A 271 4.50 -2.33 -6.60
N SER A 272 4.19 -2.10 -5.32
CA SER A 272 5.14 -2.33 -4.23
C SER A 272 5.16 -3.75 -3.68
N THR A 273 4.02 -4.42 -3.73
CA THR A 273 3.86 -5.71 -3.07
C THR A 273 3.74 -6.93 -4.01
N GLU A 274 2.87 -6.81 -5.02
CA GLU A 274 2.61 -7.83 -6.05
C GLU A 274 2.55 -7.13 -7.44
N PRO A 275 3.71 -6.78 -7.98
CA PRO A 275 3.80 -6.19 -9.30
C PRO A 275 3.93 -7.23 -10.40
N GLN A 276 3.92 -8.49 -10.02
CA GLN A 276 4.03 -9.59 -10.99
C GLN A 276 2.84 -10.52 -10.82
N TYR A 277 1.67 -9.92 -10.54
CA TYR A 277 0.41 -10.63 -10.35
C TYR A 277 -0.24 -10.92 -11.69
N GLN A 278 -0.64 -12.18 -11.90
CA GLN A 278 -1.38 -12.57 -13.10
C GLN A 278 -2.79 -13.01 -12.69
N PRO A 279 -3.83 -12.62 -13.45
CA PRO A 279 -5.22 -12.99 -13.08
C PRO A 279 -5.44 -14.50 -13.14
N GLY A 280 -6.09 -15.10 -12.16
CA GLY A 280 -6.38 -16.53 -12.13
C GLY A 280 -7.82 -16.94 -12.43
N GLU A 281 -8.18 -18.15 -12.01
CA GLU A 281 -9.54 -18.67 -12.20
C GLU A 281 -10.53 -17.63 -11.68
N ASN A 282 -10.31 -17.18 -10.44
CA ASN A 282 -11.26 -16.37 -9.70
C ASN A 282 -10.81 -15.00 -9.21
N LEU A 283 -9.57 -14.89 -8.70
CA LEU A 283 -9.05 -13.61 -8.19
C LEU A 283 -8.00 -13.06 -9.12
N LEU B 5 32.37 -22.96 -22.14
CA LEU B 5 32.59 -23.56 -20.78
C LEU B 5 33.92 -23.15 -20.07
N ALA B 6 34.73 -22.29 -20.70
CA ALA B 6 36.00 -21.87 -20.08
C ALA B 6 35.79 -20.85 -18.94
N LYS B 7 35.92 -21.34 -17.70
CA LYS B 7 35.60 -20.55 -16.52
C LYS B 7 36.61 -19.46 -16.21
N ASP B 8 36.29 -18.63 -15.22
CA ASP B 8 37.24 -17.65 -14.67
C ASP B 8 37.38 -17.88 -13.17
N ALA B 9 38.19 -17.05 -12.52
CA ALA B 9 38.48 -17.24 -11.11
C ALA B 9 37.34 -16.82 -10.18
N TRP B 10 36.29 -16.21 -10.73
CA TRP B 10 35.06 -15.91 -9.96
C TRP B 10 34.22 -17.17 -9.74
N GLU B 11 34.64 -18.29 -10.31
CA GLU B 11 33.96 -19.58 -10.12
C GLU B 11 34.24 -20.27 -8.78
N ILE B 12 33.26 -21.05 -8.33
CA ILE B 12 33.45 -22.08 -7.29
C ILE B 12 32.55 -23.28 -7.59
N PRO B 13 32.81 -24.40 -6.93
CA PRO B 13 31.87 -25.54 -6.98
C PRO B 13 30.58 -25.27 -6.18
N ARG B 14 29.49 -25.93 -6.58
CA ARG B 14 28.21 -25.80 -5.87
C ARG B 14 28.17 -26.58 -4.54
N GLU B 15 29.32 -27.08 -4.09
CA GLU B 15 29.47 -27.66 -2.74
C GLU B 15 29.76 -26.53 -1.77
N SER B 16 30.50 -25.53 -2.24
CA SER B 16 30.81 -24.33 -1.47
C SER B 16 29.63 -23.87 -0.63
N LEU B 17 28.49 -23.68 -1.30
CA LEU B 17 27.32 -23.02 -0.71
C LEU B 17 26.61 -23.90 0.33
N ARG B 18 25.47 -23.44 0.83
CA ARG B 18 24.66 -24.22 1.76
C ARG B 18 23.31 -23.54 2.02
N LEU B 19 22.54 -23.35 0.96
CA LEU B 19 21.19 -22.75 1.04
C LEU B 19 20.44 -23.13 2.33
N GLU B 20 19.92 -22.16 3.06
CA GLU B 20 19.17 -22.46 4.29
C GLU B 20 17.72 -21.95 4.23
N VAL B 21 17.53 -20.62 4.30
CA VAL B 21 16.19 -20.01 4.37
C VAL B 21 15.80 -19.35 3.03
N LYS B 22 14.51 -19.38 2.69
CA LYS B 22 13.98 -18.79 1.44
C LYS B 22 13.47 -17.37 1.68
N LEU B 23 13.81 -16.46 0.76
CA LEU B 23 13.54 -15.05 0.92
C LEU B 23 12.39 -14.58 0.02
N GLY B 24 12.31 -15.13 -1.19
CA GLY B 24 11.31 -14.71 -2.17
C GLY B 24 11.71 -15.04 -3.60
N GLN B 25 10.78 -15.62 -4.36
CA GLN B 25 11.03 -16.06 -5.73
C GLN B 25 10.58 -15.06 -6.81
N GLY B 26 9.89 -15.58 -7.83
CA GLY B 26 9.31 -14.76 -8.87
C GLY B 26 9.91 -15.02 -10.25
N CYS B 27 9.88 -13.98 -11.08
CA CYS B 27 10.08 -14.09 -12.52
C CYS B 27 11.50 -14.49 -12.90
N PHE B 28 12.47 -13.63 -12.53
CA PHE B 28 13.85 -13.81 -12.97
C PHE B 28 14.51 -15.04 -12.30
N GLY B 29 14.27 -15.24 -11.01
CA GLY B 29 14.81 -16.39 -10.29
C GLY B 29 14.33 -16.63 -8.88
N GLU B 30 15.24 -17.10 -8.02
CA GLU B 30 14.97 -17.32 -6.59
C GLU B 30 16.11 -16.73 -5.77
N VAL B 31 15.92 -16.49 -4.46
CA VAL B 31 17.01 -15.99 -3.59
C VAL B 31 16.98 -16.59 -2.20
N TRP B 32 18.04 -17.31 -1.83
CA TRP B 32 18.16 -17.90 -0.49
C TRP B 32 19.43 -17.41 0.23
N MET B 33 19.33 -17.31 1.55
CA MET B 33 20.46 -16.94 2.39
C MET B 33 21.02 -18.18 3.04
N GLY B 34 22.21 -18.58 2.63
CA GLY B 34 22.89 -19.74 3.21
C GLY B 34 24.24 -19.39 3.82
N THR B 35 25.17 -20.33 3.77
CA THR B 35 26.58 -20.13 4.16
C THR B 35 27.53 -20.61 3.03
N TRP B 36 28.75 -20.09 3.02
CA TRP B 36 29.71 -20.33 1.93
C TRP B 36 30.95 -21.03 2.44
N ASN B 37 31.32 -22.12 1.74
CA ASN B 37 32.40 -23.04 2.13
C ASN B 37 32.39 -23.39 3.63
N GLY B 38 32.96 -22.54 4.48
CA GLY B 38 32.90 -22.72 5.92
C GLY B 38 31.94 -21.78 6.66
N THR B 39 32.42 -20.56 6.93
CA THR B 39 31.61 -19.45 7.45
C THR B 39 31.18 -18.57 6.28
N THR B 40 30.98 -17.27 6.52
CA THR B 40 30.50 -16.32 5.49
C THR B 40 29.03 -16.57 5.09
N ARG B 41 28.12 -15.87 5.77
CA ARG B 41 26.71 -15.84 5.42
C ARG B 41 26.53 -15.18 4.07
N VAL B 42 25.89 -15.86 3.13
CA VAL B 42 25.74 -15.33 1.78
C VAL B 42 24.30 -15.07 1.44
N ALA B 43 24.07 -14.68 0.19
CA ALA B 43 22.75 -14.63 -0.43
C ALA B 43 22.90 -15.18 -1.82
N ILE B 44 21.92 -15.94 -2.32
CA ILE B 44 22.14 -16.76 -3.52
C ILE B 44 21.04 -16.62 -4.57
N LYS B 45 21.29 -15.78 -5.58
CA LYS B 45 20.32 -15.53 -6.65
C LYS B 45 20.40 -16.61 -7.73
N THR B 46 19.41 -17.49 -7.76
CA THR B 46 19.33 -18.57 -8.74
C THR B 46 18.62 -18.14 -10.03
N LEU B 47 18.81 -18.94 -11.09
CA LEU B 47 18.09 -18.81 -12.35
C LEU B 47 17.09 -19.96 -12.42
N LYS B 48 15.81 -19.63 -12.65
CA LYS B 48 14.78 -20.66 -12.86
C LYS B 48 15.07 -21.41 -14.17
N PRO B 49 15.12 -22.75 -14.13
CA PRO B 49 15.51 -23.57 -15.31
C PRO B 49 14.98 -23.04 -16.65
N GLY B 50 15.85 -22.34 -17.40
CA GLY B 50 15.47 -21.73 -18.67
C GLY B 50 15.19 -20.23 -18.57
N THR B 51 13.93 -19.84 -18.81
CA THR B 51 13.46 -18.43 -18.90
C THR B 51 14.39 -17.44 -19.63
N MET B 52 15.47 -17.01 -18.96
CA MET B 52 16.51 -16.21 -19.59
C MET B 52 17.75 -17.06 -19.93
N SER B 53 18.44 -16.64 -20.98
CA SER B 53 19.49 -17.42 -21.68
C SER B 53 20.63 -18.02 -20.79
N PRO B 54 21.60 -18.71 -21.41
CA PRO B 54 22.85 -19.07 -20.71
C PRO B 54 23.67 -17.82 -20.36
N GLU B 55 23.77 -16.89 -21.32
CA GLU B 55 24.46 -15.60 -21.15
C GLU B 55 23.66 -14.54 -20.36
N ALA B 56 22.33 -14.69 -20.31
CA ALA B 56 21.47 -13.74 -19.58
C ALA B 56 21.62 -13.83 -18.06
N PHE B 57 22.34 -14.86 -17.57
CA PHE B 57 22.75 -14.93 -16.15
C PHE B 57 24.29 -14.90 -15.97
N LEU B 58 25.01 -14.78 -17.08
CA LEU B 58 26.39 -14.25 -17.08
C LEU B 58 26.37 -12.76 -17.54
N GLN B 59 25.22 -12.10 -17.35
CA GLN B 59 25.06 -10.67 -17.65
C GLN B 59 24.94 -9.87 -16.34
N GLU B 60 24.14 -10.38 -15.39
CA GLU B 60 24.19 -9.94 -13.97
C GLU B 60 25.54 -10.35 -13.31
N ALA B 61 26.35 -11.11 -14.05
CA ALA B 61 27.68 -11.50 -13.63
C ALA B 61 28.75 -10.65 -14.30
N GLN B 62 28.67 -10.50 -15.62
CA GLN B 62 29.69 -9.78 -16.38
C GLN B 62 29.89 -8.36 -15.83
N VAL B 63 28.80 -7.60 -15.72
CA VAL B 63 28.84 -6.22 -15.20
C VAL B 63 29.32 -6.15 -13.75
N MET B 64 28.86 -7.10 -12.93
CA MET B 64 29.10 -7.10 -11.47
C MET B 64 30.51 -7.55 -11.07
N LYS B 65 31.39 -7.76 -12.05
CA LYS B 65 32.74 -8.26 -11.80
C LYS B 65 33.76 -7.12 -11.83
N LYS B 66 33.61 -6.21 -12.79
CA LYS B 66 34.38 -4.96 -12.77
C LYS B 66 33.97 -4.12 -11.55
N LEU B 67 32.67 -3.83 -11.44
CA LEU B 67 32.11 -2.99 -10.38
C LEU B 67 32.45 -3.45 -8.95
N ARG B 68 32.76 -2.51 -8.06
CA ARG B 68 33.18 -2.83 -6.67
C ARG B 68 33.32 -1.60 -5.74
N HIS B 69 32.51 -1.57 -4.67
CA HIS B 69 32.35 -0.37 -3.86
C HIS B 69 31.63 -0.68 -2.55
N GLU B 70 31.98 0.07 -1.50
CA GLU B 70 31.35 -0.08 -0.19
C GLU B 70 29.82 -0.14 -0.29
N LYS B 71 29.29 0.56 -1.31
CA LYS B 71 27.85 0.88 -1.42
C LYS B 71 27.15 0.26 -2.62
N LEU B 72 27.87 -0.56 -3.38
CA LEU B 72 27.27 -1.57 -4.26
C LEU B 72 27.51 -2.89 -3.60
N VAL B 73 26.49 -3.74 -3.61
CA VAL B 73 26.54 -5.10 -3.07
C VAL B 73 27.65 -5.92 -3.75
N GLN B 74 28.56 -6.50 -2.97
CA GLN B 74 29.74 -7.13 -3.56
C GLN B 74 29.48 -8.57 -4.05
N LEU B 75 29.90 -8.86 -5.27
CA LEU B 75 29.87 -10.22 -5.79
C LEU B 75 30.93 -11.00 -5.04
N TYR B 76 30.54 -12.15 -4.50
CA TYR B 76 31.48 -13.08 -3.87
C TYR B 76 31.93 -14.19 -4.82
N ALA B 77 31.02 -14.63 -5.70
CA ALA B 77 31.24 -15.78 -6.57
C ALA B 77 30.10 -15.98 -7.59
N VAL B 78 30.32 -16.90 -8.53
CA VAL B 78 29.27 -17.40 -9.42
C VAL B 78 29.45 -18.86 -9.72
N VAL B 79 28.32 -19.51 -10.03
CA VAL B 79 28.27 -20.86 -10.56
C VAL B 79 27.66 -20.73 -11.97
N SER B 80 28.48 -20.89 -13.01
CA SER B 80 28.05 -20.63 -14.39
C SER B 80 27.73 -21.92 -15.15
N GLU B 81 26.79 -22.70 -14.59
CA GLU B 81 26.40 -24.00 -15.18
C GLU B 81 25.03 -24.46 -14.66
N GLU B 82 24.02 -24.21 -15.49
CA GLU B 82 22.58 -24.51 -15.22
C GLU B 82 22.36 -25.75 -14.32
N PRO B 83 21.87 -25.57 -13.09
CA PRO B 83 21.22 -24.34 -12.61
C PRO B 83 22.24 -23.30 -12.10
N ILE B 84 22.12 -22.07 -12.60
CA ILE B 84 23.10 -21.01 -12.31
C ILE B 84 22.86 -20.46 -10.91
N TYR B 85 23.95 -20.20 -10.19
CA TYR B 85 23.89 -19.44 -8.94
C TYR B 85 24.68 -18.12 -9.06
N ILE B 86 24.38 -17.19 -8.15
CA ILE B 86 25.19 -15.98 -7.96
C ILE B 86 25.27 -15.66 -6.46
N VAL B 87 26.48 -15.66 -5.92
CA VAL B 87 26.71 -15.42 -4.50
C VAL B 87 27.03 -13.94 -4.27
N THR B 88 26.48 -13.35 -3.24
CA THR B 88 26.76 -11.96 -2.96
C THR B 88 26.96 -11.79 -1.47
N GLU B 89 27.25 -10.58 -1.03
CA GLU B 89 27.23 -10.31 0.39
C GLU B 89 25.76 -10.41 0.75
N TYR B 90 25.49 -10.79 1.99
CA TYR B 90 24.10 -10.85 2.47
C TYR B 90 23.69 -9.53 3.12
N MET B 91 22.52 -9.02 2.75
CA MET B 91 22.01 -7.79 3.34
C MET B 91 20.81 -8.13 4.22
N ASN B 92 21.01 -8.06 5.53
CA ASN B 92 20.09 -8.67 6.51
C ASN B 92 18.74 -7.96 6.82
N LYS B 93 18.42 -6.87 6.13
CA LYS B 93 17.19 -6.14 6.41
C LYS B 93 16.28 -5.82 5.20
N GLY B 94 16.44 -6.57 4.11
CA GLY B 94 15.47 -6.56 3.02
C GLY B 94 15.81 -5.57 1.94
N SER B 95 14.84 -5.20 1.10
CA SER B 95 14.99 -4.08 0.17
C SER B 95 14.72 -2.80 0.92
N LEU B 96 14.93 -1.66 0.27
CA LEU B 96 14.69 -0.37 0.89
C LEU B 96 13.20 -0.07 0.84
N LEU B 97 12.49 -0.59 -0.16
CA LEU B 97 11.06 -0.30 -0.35
C LEU B 97 10.24 -0.93 0.78
N ASP B 98 10.61 -2.16 1.17
CA ASP B 98 9.94 -2.91 2.27
C ASP B 98 10.29 -2.30 3.64
N PHE B 99 11.52 -1.81 3.76
CA PHE B 99 11.98 -1.22 5.01
C PHE B 99 11.30 0.10 5.32
N LEU B 100 11.12 0.93 4.30
CA LEU B 100 10.57 2.28 4.38
C LEU B 100 9.11 2.14 4.70
N LYS B 101 8.51 1.06 4.15
CA LYS B 101 7.09 0.72 4.23
C LYS B 101 6.68 -0.03 5.52
N GLY B 102 7.65 -0.65 6.21
CA GLY B 102 7.40 -1.55 7.33
C GLY B 102 7.31 -0.94 8.73
N GLU B 103 7.37 -1.81 9.76
CA GLU B 103 7.28 -1.41 11.19
C GLU B 103 8.32 -0.33 11.46
N THR B 104 9.58 -0.64 11.21
CA THR B 104 10.66 0.32 11.38
C THR B 104 10.60 1.62 10.55
N GLY B 105 9.89 1.65 9.43
CA GLY B 105 9.89 2.86 8.62
C GLY B 105 9.28 4.15 9.22
N LYS B 106 8.27 3.96 10.07
CA LYS B 106 7.48 5.07 10.56
C LYS B 106 8.23 5.87 11.60
N TYR B 107 9.39 5.38 12.06
CA TYR B 107 10.19 6.16 12.98
C TYR B 107 11.25 6.96 12.23
N LEU B 108 11.47 6.64 10.95
CA LEU B 108 12.32 7.46 10.09
C LEU B 108 11.95 8.95 10.02
N ARG B 109 12.95 9.75 10.38
CA ARG B 109 12.91 11.19 10.21
C ARG B 109 13.89 11.56 9.07
N LEU B 110 13.73 12.77 8.52
CA LEU B 110 14.55 13.21 7.39
C LEU B 110 16.04 12.98 7.53
N PRO B 111 16.68 13.33 8.65
CA PRO B 111 18.07 12.97 8.88
C PRO B 111 18.50 11.54 8.50
N GLN B 112 17.68 10.50 8.72
CA GLN B 112 18.04 9.12 8.36
C GLN B 112 17.86 8.84 6.88
N LEU B 113 16.78 9.39 6.33
CA LEU B 113 16.46 9.21 4.92
C LEU B 113 17.46 9.93 4.03
N VAL B 114 17.79 11.17 4.39
CA VAL B 114 18.79 11.92 3.66
C VAL B 114 20.10 11.14 3.74
N ASP B 115 20.38 10.54 4.88
CA ASP B 115 21.62 9.77 4.99
C ASP B 115 21.65 8.64 3.99
N MET B 116 20.66 7.74 4.05
CA MET B 116 20.50 6.62 3.10
C MET B 116 20.61 7.09 1.67
N SER B 117 20.06 8.29 1.37
CA SER B 117 20.07 8.80 0.01
C SER B 117 21.48 9.13 -0.40
N ALA B 118 22.29 9.56 0.56
CA ALA B 118 23.68 9.93 0.35
C ALA B 118 24.63 8.71 0.19
N GLN B 119 24.21 7.55 0.66
CA GLN B 119 24.99 6.31 0.50
C GLN B 119 24.66 5.76 -0.84
N ILE B 120 23.39 5.90 -1.20
CA ILE B 120 22.92 5.42 -2.47
C ILE B 120 23.65 6.21 -3.54
N ALA B 121 23.80 7.51 -3.33
CA ALA B 121 24.49 8.37 -4.29
C ALA B 121 25.99 8.16 -4.25
N SER B 122 26.53 7.71 -3.14
CA SER B 122 27.95 7.40 -3.11
C SER B 122 28.31 6.27 -4.08
N GLY B 123 27.46 5.26 -4.15
CA GLY B 123 27.66 4.13 -5.04
C GLY B 123 27.41 4.52 -6.47
N MET B 124 26.41 5.36 -6.70
CA MET B 124 26.11 5.83 -8.05
C MET B 124 27.18 6.78 -8.56
N ALA B 125 27.95 7.39 -7.66
CA ALA B 125 29.10 8.19 -8.05
C ALA B 125 30.24 7.27 -8.48
N TYR B 126 30.40 6.14 -7.80
CA TYR B 126 31.37 5.15 -8.24
C TYR B 126 30.97 4.59 -9.60
N VAL B 127 29.68 4.29 -9.78
CA VAL B 127 29.13 3.83 -11.06
C VAL B 127 29.40 4.87 -12.15
N GLU B 128 29.36 6.14 -11.77
CA GLU B 128 29.58 7.28 -12.66
C GLU B 128 31.06 7.37 -13.12
N ARG B 129 31.98 7.37 -12.16
CA ARG B 129 33.41 7.24 -12.39
C ARG B 129 33.76 6.12 -13.35
N MET B 130 33.21 4.93 -13.09
CA MET B 130 33.53 3.72 -13.85
C MET B 130 32.90 3.73 -15.24
N ASN B 131 32.15 4.77 -15.53
CA ASN B 131 31.53 4.93 -16.83
C ASN B 131 30.52 3.83 -17.14
N TYR B 132 29.82 3.41 -16.08
CA TYR B 132 28.61 2.61 -16.19
C TYR B 132 27.31 3.43 -16.04
N VAL B 133 26.21 2.67 -16.15
CA VAL B 133 24.83 3.13 -16.07
C VAL B 133 24.04 1.98 -15.43
N HIS B 134 22.98 2.29 -14.69
CA HIS B 134 22.26 1.30 -13.89
C HIS B 134 21.01 0.78 -14.58
N ARG B 135 20.21 1.72 -15.09
CA ARG B 135 19.01 1.48 -15.93
C ARG B 135 17.73 1.21 -15.15
N ASP B 136 17.82 0.73 -13.92
CA ASP B 136 16.62 0.52 -13.12
C ASP B 136 16.96 0.83 -11.69
N LEU B 137 17.18 2.11 -11.42
CA LEU B 137 17.58 2.62 -10.11
C LEU B 137 16.37 3.14 -9.40
N ARG B 138 15.92 2.39 -8.40
CA ARG B 138 14.81 2.80 -7.53
C ARG B 138 14.84 2.00 -6.21
N ALA B 139 13.86 2.18 -5.34
CA ALA B 139 13.96 1.66 -3.97
C ALA B 139 13.88 0.12 -3.81
N ALA B 140 13.10 -0.57 -4.65
CA ALA B 140 13.02 -2.04 -4.62
C ALA B 140 14.36 -2.71 -4.99
N ASN B 141 15.27 -1.90 -5.52
CA ASN B 141 16.60 -2.32 -5.91
C ASN B 141 17.67 -1.73 -5.03
N ILE B 142 17.31 -1.29 -3.83
CA ILE B 142 18.29 -0.88 -2.82
C ILE B 142 18.09 -1.83 -1.65
N LEU B 143 19.18 -2.39 -1.17
CA LEU B 143 19.13 -3.28 -0.02
C LEU B 143 19.69 -2.57 1.20
N VAL B 144 19.03 -2.80 2.34
CA VAL B 144 19.39 -2.22 3.62
C VAL B 144 20.13 -3.25 4.42
N GLY B 145 21.11 -2.80 5.18
CA GLY B 145 21.93 -3.66 6.01
C GLY B 145 21.66 -3.33 7.46
N GLU B 146 22.51 -3.84 8.33
CA GLU B 146 22.45 -3.39 9.71
C GLU B 146 22.97 -1.94 9.72
N ASN B 147 22.56 -1.13 10.69
CA ASN B 147 23.11 0.24 10.84
C ASN B 147 22.69 1.16 9.67
N LEU B 148 21.41 1.10 9.32
CA LEU B 148 20.86 1.82 8.19
C LEU B 148 21.76 1.92 6.98
N VAL B 149 22.59 0.90 6.74
CA VAL B 149 23.44 0.85 5.55
C VAL B 149 22.53 0.58 4.37
N CYS B 150 22.78 1.26 3.26
CA CYS B 150 22.04 1.05 2.02
C CYS B 150 23.04 0.68 0.96
N LYS B 151 22.74 -0.32 0.13
CA LYS B 151 23.58 -0.56 -1.05
C LYS B 151 22.73 -0.77 -2.31
N VAL B 152 23.27 -0.31 -3.43
CA VAL B 152 22.66 -0.51 -4.73
C VAL B 152 22.93 -1.92 -5.25
N ALA B 153 21.98 -2.48 -5.99
CA ALA B 153 22.04 -3.90 -6.41
C ALA B 153 21.34 -4.11 -7.75
N ASP B 154 20.84 -5.33 -7.97
CA ASP B 154 19.91 -5.64 -9.08
C ASP B 154 20.23 -4.92 -10.42
N PHE B 155 21.52 -4.90 -10.83
CA PHE B 155 21.97 -4.01 -11.95
C PHE B 155 21.20 -4.21 -13.28
N PHE B 174 7.15 -2.85 -16.27
CA PHE B 174 7.72 -1.61 -16.83
C PHE B 174 7.81 -0.45 -15.78
N PRO B 175 9.01 0.12 -15.57
CA PRO B 175 9.20 1.14 -14.53
C PRO B 175 9.08 2.57 -15.09
N ILE B 176 8.08 2.84 -15.92
CA ILE B 176 8.02 4.14 -16.57
C ILE B 176 8.04 5.30 -15.56
N LYS B 177 7.42 5.10 -14.38
CA LYS B 177 7.32 6.13 -13.35
C LYS B 177 8.66 6.55 -12.81
N TRP B 178 9.61 5.62 -12.77
CA TRP B 178 10.98 5.89 -12.25
C TRP B 178 12.02 6.31 -13.29
N THR B 179 11.66 6.20 -14.58
CA THR B 179 12.54 6.39 -15.75
C THR B 179 12.44 7.79 -16.33
N ALA B 180 13.57 8.38 -16.71
CA ALA B 180 13.59 9.66 -17.42
C ALA B 180 12.95 9.55 -18.80
N PRO B 181 12.23 10.57 -19.25
CA PRO B 181 11.47 10.46 -20.50
C PRO B 181 12.29 9.97 -21.70
N GLU B 182 13.50 10.48 -21.86
CA GLU B 182 14.30 10.25 -23.04
C GLU B 182 14.72 8.78 -23.09
N ALA B 183 14.72 8.16 -21.92
CA ALA B 183 14.95 6.72 -21.79
C ALA B 183 13.67 5.94 -22.06
N ALA B 184 12.60 6.36 -21.40
CA ALA B 184 11.29 5.76 -21.52
C ALA B 184 10.76 5.64 -22.93
N LEU B 185 11.21 6.52 -23.81
CA LEU B 185 10.60 6.67 -25.13
C LEU B 185 11.50 6.27 -26.30
N TYR B 186 12.78 6.62 -26.17
CA TYR B 186 13.76 6.58 -27.24
C TYR B 186 14.91 5.58 -26.95
N GLY B 187 14.88 4.99 -25.76
CA GLY B 187 15.95 4.14 -25.28
C GLY B 187 17.26 4.80 -24.87
N ARG B 188 17.25 6.08 -24.50
CA ARG B 188 18.49 6.84 -24.23
C ARG B 188 18.95 6.81 -22.78
N PHE B 189 19.17 5.61 -22.26
CA PHE B 189 19.77 5.47 -20.93
C PHE B 189 21.24 5.98 -20.83
N THR B 190 21.46 7.02 -20.02
CA THR B 190 22.78 7.50 -19.64
C THR B 190 22.83 7.49 -18.11
N ILE B 191 23.98 7.85 -17.54
CA ILE B 191 24.08 8.05 -16.09
C ILE B 191 23.17 9.22 -15.68
N LYS B 192 23.04 10.19 -16.59
CA LYS B 192 22.16 11.33 -16.36
C LYS B 192 20.67 10.92 -16.35
N SER B 193 20.32 9.87 -17.07
CA SER B 193 18.98 9.28 -16.94
C SER B 193 18.89 8.54 -15.61
N ASP B 194 20.02 8.02 -15.13
CA ASP B 194 20.07 7.48 -13.79
C ASP B 194 19.80 8.54 -12.71
N VAL B 195 20.32 9.76 -12.91
CA VAL B 195 20.09 10.87 -11.98
C VAL B 195 18.60 11.18 -11.84
N TRP B 196 17.85 11.10 -12.95
CA TRP B 196 16.40 11.28 -12.93
C TRP B 196 15.72 10.33 -11.96
N SER B 197 16.15 9.09 -11.93
CA SER B 197 15.48 8.10 -11.11
C SER B 197 15.82 8.34 -9.65
N PHE B 198 17.04 8.89 -9.46
CA PHE B 198 17.57 9.14 -8.14
C PHE B 198 16.63 10.15 -7.56
N GLY B 199 16.17 11.07 -8.39
CA GLY B 199 15.20 12.05 -7.94
C GLY B 199 13.88 11.45 -7.52
N ILE B 200 13.42 10.48 -8.31
CA ILE B 200 12.18 9.80 -8.02
C ILE B 200 12.36 9.00 -6.75
N LEU B 201 13.53 8.37 -6.63
CA LEU B 201 13.84 7.59 -5.43
C LEU B 201 13.88 8.49 -4.17
N LEU B 202 14.22 9.78 -4.33
CA LEU B 202 14.09 10.74 -3.23
C LEU B 202 12.64 10.94 -2.76
N THR B 203 11.64 10.80 -3.63
CA THR B 203 10.26 10.85 -3.14
C THR B 203 9.88 9.58 -2.44
N GLU B 204 10.44 8.45 -2.85
CA GLU B 204 10.17 7.20 -2.13
C GLU B 204 10.69 7.33 -0.69
N LEU B 205 11.91 7.89 -0.57
CA LEU B 205 12.60 8.11 0.72
C LEU B 205 11.91 9.15 1.56
N THR B 206 11.36 10.20 0.97
CA THR B 206 10.70 11.21 1.75
C THR B 206 9.24 10.81 2.06
N THR B 207 8.68 9.83 1.35
CA THR B 207 7.30 9.42 1.64
C THR B 207 7.18 8.05 2.28
N LYS B 208 8.30 7.46 2.66
CA LYS B 208 8.25 6.21 3.37
C LYS B 208 7.67 5.12 2.48
N GLY B 209 7.90 5.23 1.18
CA GLY B 209 7.70 4.11 0.26
C GLY B 209 6.55 4.22 -0.72
N ARG B 210 5.97 5.39 -0.85
CA ARG B 210 4.86 5.58 -1.75
C ARG B 210 5.20 5.66 -3.25
N VAL B 211 4.37 5.00 -4.06
CA VAL B 211 4.54 5.00 -5.51
C VAL B 211 4.50 6.47 -5.91
N PRO B 212 5.43 6.91 -6.78
CA PRO B 212 5.45 8.32 -7.20
C PRO B 212 4.23 8.61 -8.04
N TYR B 213 4.01 9.87 -8.41
CA TYR B 213 2.81 10.29 -9.14
C TYR B 213 1.60 9.47 -8.66
N PRO B 214 1.18 9.71 -7.40
CA PRO B 214 0.07 8.98 -6.80
C PRO B 214 -1.25 9.30 -7.48
N GLY B 215 -2.11 8.28 -7.60
CA GLY B 215 -3.36 8.40 -8.29
C GLY B 215 -3.16 8.51 -9.80
N MET B 216 -1.95 8.26 -10.29
CA MET B 216 -1.72 8.20 -11.73
C MET B 216 -1.38 6.80 -12.23
N VAL B 217 -1.99 6.48 -13.39
CA VAL B 217 -1.59 5.40 -14.28
C VAL B 217 -0.40 5.85 -15.15
N ASN B 218 0.27 4.90 -15.80
CA ASN B 218 1.47 5.21 -16.58
C ASN B 218 1.35 6.23 -17.72
N ARG B 219 0.34 6.12 -18.56
CA ARG B 219 0.23 7.01 -19.70
C ARG B 219 -0.04 8.48 -19.26
N GLU B 220 -0.65 8.66 -18.09
CA GLU B 220 -0.86 10.01 -17.55
C GLU B 220 0.49 10.64 -17.10
N VAL B 221 1.36 9.86 -16.49
CA VAL B 221 2.69 10.32 -16.11
C VAL B 221 3.52 10.79 -17.32
N LEU B 222 3.56 9.97 -18.37
CA LEU B 222 4.30 10.30 -19.61
C LEU B 222 3.77 11.54 -20.24
N ASP B 223 2.44 11.71 -20.22
CA ASP B 223 1.81 12.87 -20.86
C ASP B 223 2.07 14.09 -19.99
N GLN B 224 1.91 13.96 -18.69
CA GLN B 224 2.10 15.09 -17.80
C GLN B 224 3.59 15.50 -17.71
N VAL B 225 4.50 14.52 -17.58
CA VAL B 225 5.94 14.84 -17.55
C VAL B 225 6.43 15.51 -18.85
N GLU B 226 5.77 15.21 -19.97
CA GLU B 226 6.04 15.87 -21.26
C GLU B 226 5.54 17.32 -21.32
N ARG B 227 4.37 17.58 -20.74
CA ARG B 227 3.83 18.93 -20.70
C ARG B 227 4.54 19.78 -19.61
N GLY B 228 5.40 19.12 -18.81
CA GLY B 228 6.25 19.79 -17.85
C GLY B 228 5.92 19.53 -16.38
N TYR B 229 4.85 18.77 -16.10
CA TYR B 229 4.52 18.36 -14.73
C TYR B 229 5.68 17.71 -13.97
N ARG B 230 5.71 17.93 -12.66
CA ARG B 230 6.68 17.34 -11.74
C ARG B 230 6.10 17.34 -10.32
N MET B 231 6.48 16.36 -9.52
CA MET B 231 5.82 16.17 -8.24
C MET B 231 5.96 17.33 -7.28
N PRO B 232 4.90 17.63 -6.55
CA PRO B 232 5.01 18.54 -5.42
C PRO B 232 5.93 18.03 -4.32
N CYS B 233 6.77 18.95 -3.86
CA CYS B 233 7.33 18.92 -2.51
C CYS B 233 6.40 18.15 -1.55
N PRO B 234 6.76 16.92 -1.20
CA PRO B 234 5.95 16.12 -0.25
C PRO B 234 5.66 16.76 1.14
N PRO B 235 4.60 16.30 1.81
CA PRO B 235 4.34 16.68 3.21
C PRO B 235 5.58 16.83 4.12
N GLU B 236 5.82 18.08 4.56
CA GLU B 236 6.87 18.42 5.52
C GLU B 236 8.27 18.03 5.04
N CYS B 237 8.52 18.12 3.74
CA CYS B 237 9.85 17.82 3.24
C CYS B 237 10.48 19.15 2.87
N PRO B 238 11.58 19.52 3.54
CA PRO B 238 12.23 20.81 3.30
C PRO B 238 12.25 21.15 1.84
N GLU B 239 12.22 22.44 1.57
CA GLU B 239 12.12 22.98 0.22
C GLU B 239 13.47 22.88 -0.54
N SER B 240 14.57 22.60 0.15
CA SER B 240 15.87 22.37 -0.50
C SER B 240 16.09 20.92 -0.99
N LEU B 241 15.44 19.95 -0.36
CA LEU B 241 15.39 18.60 -0.92
C LEU B 241 14.55 18.57 -2.20
N HIS B 242 13.46 19.36 -2.26
CA HIS B 242 12.62 19.37 -3.43
C HIS B 242 13.29 20.04 -4.61
N ASP B 243 14.11 21.06 -4.38
CA ASP B 243 14.86 21.66 -5.50
C ASP B 243 15.86 20.68 -6.07
N LEU B 244 16.56 19.97 -5.21
CA LEU B 244 17.38 18.86 -5.65
C LEU B 244 16.54 17.88 -6.50
N MET B 245 15.29 17.63 -6.13
CA MET B 245 14.48 16.74 -6.93
C MET B 245 14.26 17.35 -8.33
N CYS B 246 13.83 18.61 -8.38
CA CYS B 246 13.60 19.29 -9.64
C CYS B 246 14.86 19.41 -10.47
N GLN B 247 16.01 19.54 -9.82
CA GLN B 247 17.29 19.53 -10.53
C GLN B 247 17.48 18.19 -11.27
N CYS B 248 17.31 17.08 -10.57
CA CYS B 248 17.38 15.76 -11.16
C CYS B 248 16.34 15.57 -12.27
N TRP B 249 15.28 16.38 -12.33
CA TRP B 249 14.22 16.19 -13.33
C TRP B 249 14.16 17.23 -14.41
N ARG B 250 15.31 17.75 -14.83
CA ARG B 250 15.37 18.80 -15.83
C ARG B 250 15.29 18.19 -17.25
N LYS B 251 14.34 18.66 -18.08
CA LYS B 251 14.08 18.00 -19.39
C LYS B 251 15.37 17.63 -20.10
N GLU B 252 16.35 18.51 -19.99
CA GLU B 252 17.63 18.38 -20.68
C GLU B 252 18.71 17.56 -19.88
N PRO B 253 18.97 16.33 -20.35
CA PRO B 253 19.71 15.33 -19.57
C PRO B 253 21.06 15.80 -19.05
N GLU B 254 21.77 16.58 -19.84
CA GLU B 254 23.13 17.03 -19.49
C GLU B 254 23.10 18.14 -18.41
N GLU B 255 21.95 18.78 -18.22
CA GLU B 255 21.84 19.88 -17.26
C GLU B 255 21.39 19.37 -15.89
N ARG B 256 21.32 18.04 -15.74
CA ARG B 256 21.09 17.37 -14.45
C ARG B 256 22.43 17.17 -13.71
N PRO B 257 22.43 17.21 -12.38
CA PRO B 257 23.69 17.14 -11.61
C PRO B 257 24.25 15.75 -11.51
N THR B 258 25.57 15.67 -11.43
CA THR B 258 26.25 14.39 -11.24
C THR B 258 25.95 13.84 -9.84
N PHE B 259 26.30 12.57 -9.67
CA PHE B 259 26.19 11.94 -8.37
C PHE B 259 27.21 12.52 -7.39
N GLU B 260 28.43 12.82 -7.82
CA GLU B 260 29.40 13.42 -6.91
C GLU B 260 28.86 14.78 -6.35
N TYR B 261 28.12 15.56 -7.14
CA TYR B 261 27.37 16.67 -6.56
C TYR B 261 26.30 16.11 -5.62
N LEU B 262 25.36 15.33 -6.17
CA LEU B 262 24.25 14.78 -5.37
C LEU B 262 24.80 14.26 -4.06
N GLN B 263 25.92 13.55 -4.10
CA GLN B 263 26.43 12.86 -2.93
C GLN B 263 26.93 13.85 -1.88
N ALA B 264 27.69 14.87 -2.26
CA ALA B 264 28.19 15.80 -1.26
C ALA B 264 27.08 16.71 -0.73
N PHE B 265 26.14 17.09 -1.59
CA PHE B 265 24.95 17.77 -1.13
C PHE B 265 24.33 17.04 0.06
N LEU B 266 23.99 15.77 -0.14
CA LEU B 266 23.20 15.02 0.83
C LEU B 266 24.03 14.69 2.04
N GLU B 267 25.35 14.58 1.87
CA GLU B 267 26.25 14.33 2.97
C GLU B 267 26.29 15.57 3.85
N ASP B 268 26.51 16.71 3.21
CA ASP B 268 26.60 18.00 3.89
C ASP B 268 25.23 18.60 4.25
N TYR B 269 24.15 17.84 4.06
CA TYR B 269 22.82 18.48 4.11
C TYR B 269 22.62 19.35 5.35
N PHE B 270 22.59 18.76 6.55
CA PHE B 270 22.17 19.47 7.74
C PHE B 270 23.13 20.54 8.33
N THR B 271 24.23 20.81 7.62
CA THR B 271 25.14 21.90 8.01
C THR B 271 25.14 23.02 7.00
N SER B 272 25.32 22.62 5.75
CA SER B 272 25.38 23.56 4.63
C SER B 272 24.04 23.93 3.98
N THR B 273 22.88 23.46 4.48
CA THR B 273 21.58 23.65 3.75
C THR B 273 20.32 23.79 4.60
N GLU B 274 20.18 22.90 5.58
CA GLU B 274 19.12 22.98 6.58
C GLU B 274 19.81 22.82 7.95
N PRO B 275 20.48 23.89 8.39
CA PRO B 275 21.16 23.91 9.68
C PRO B 275 20.21 24.30 10.84
N GLN B 276 19.01 24.78 10.51
CA GLN B 276 17.98 24.96 11.53
C GLN B 276 16.78 24.08 11.22
N TYR B 277 17.04 22.82 10.82
CA TYR B 277 15.99 21.81 10.66
C TYR B 277 15.48 21.38 12.05
N GLN B 278 14.15 21.42 12.23
CA GLN B 278 13.49 20.89 13.42
C GLN B 278 12.69 19.63 13.03
N PRO B 279 12.62 18.60 13.87
CA PRO B 279 11.80 17.44 13.52
C PRO B 279 10.36 17.87 13.52
N GLY B 280 9.65 17.64 12.42
CA GLY B 280 8.22 17.80 12.39
C GLY B 280 7.54 16.56 12.94
N GLU B 281 6.26 16.43 12.59
CA GLU B 281 5.48 15.26 12.94
C GLU B 281 5.97 13.95 12.30
N ASN B 282 6.19 13.98 10.99
CA ASN B 282 6.67 12.83 10.21
C ASN B 282 8.14 12.84 9.70
N LEU B 283 8.67 14.03 9.38
CA LEU B 283 10.07 14.19 8.92
C LEU B 283 10.90 15.19 9.76
CL1 P01 C . -31.37 -2.82 -1.41
C5A P01 C . -30.62 -1.45 -2.27
C6A P01 C . -30.09 -0.44 -1.48
C1A P01 C . -29.51 0.67 -2.08
C2A P01 C . -29.45 0.71 -3.48
C3A P01 C . -29.97 -0.32 -4.27
C4A P01 C . -30.57 -1.40 -3.67
N6 P01 C . -29.01 1.74 -1.38
C6 P01 C . -29.03 1.93 -0.02
C5 P01 C . -28.59 3.17 0.47
N7 P01 C . -28.12 4.33 -0.16
C4 P01 C . -28.59 3.40 1.79
N9 P01 C . -28.16 4.61 2.06
C10 P01 C . -28.10 4.98 3.50
C11 P01 C . -29.24 5.96 3.84
C12 P01 C . -26.71 5.47 3.91
C8 P01 C . -27.84 5.20 0.88
N3 P01 C . -28.99 2.49 2.69
C2 P01 C . -29.42 1.29 2.22
N1 P01 C . -29.43 1.01 0.89
N21 P01 C . -29.83 0.36 3.13
C22 P01 C . -30.00 -1.04 2.78
C25 P01 C . -30.97 -1.69 3.76
C26 P01 C . -32.30 -0.92 3.79
C27 P01 C . -31.17 -3.18 3.47
C23 P01 C . -28.63 -1.75 2.74
O24 P01 C . -28.23 -2.20 4.02
CL1 P01 D . 13.29 -10.75 2.34
C5A P01 D . 14.92 -10.40 2.96
C6A P01 D . 15.96 -10.36 2.04
C1A P01 D . 17.23 -10.09 2.49
C2A P01 D . 17.43 -9.89 3.86
C3A P01 D . 16.38 -9.94 4.77
C4A P01 D . 15.09 -10.20 4.32
N6 P01 D . 18.32 -10.05 1.66
C6 P01 D . 18.35 -9.95 0.30
C5 P01 D . 19.60 -9.92 -0.31
N7 P01 D . 20.89 -9.97 0.20
C4 P01 D . 19.67 -9.80 -1.64
N9 P01 D . 20.93 -9.77 -2.05
C10 P01 D . 21.19 -9.69 -3.52
C11 P01 D . 21.38 -11.09 -4.06
C12 P01 D . 22.40 -8.84 -3.83
C8 P01 D . 21.69 -9.89 -0.93
N3 P01 D . 18.57 -9.72 -2.42
C2 P01 D . 17.34 -9.75 -1.84
N1 P01 D . 17.23 -9.88 -0.49
N21 P01 D . 16.27 -9.66 -2.64
C22 P01 D . 14.90 -9.55 -2.14
C25 P01 D . 13.95 -10.35 -3.07
C26 P01 D . 14.50 -11.75 -3.35
C27 P01 D . 12.51 -10.39 -2.52
C23 P01 D . 14.52 -8.07 -2.03
O24 P01 D . 13.41 -7.75 -2.89
#